data_4OTM
#
_entry.id   4OTM
#
_cell.length_a   47.126
_cell.length_b   118.896
_cell.length_c   46.608
_cell.angle_alpha   90.000
_cell.angle_beta   90.000
_cell.angle_gamma   90.000
#
_symmetry.space_group_name_H-M   'P 21 21 2'
#
loop_
_entity.id
_entity.type
_entity.pdbx_description
1 polymer 'Serine/threonine-protein kinase GCN2'
2 water water
#
_entity_poly.entity_id   1
_entity_poly.type   'polypeptide(L)'
_entity_poly.pdbx_seq_one_letter_code
;SAGSSQEGDIDDVVAGSTNNQKVIYVPNMATRSKKANKREKWVYEDAARNSSNMILHNLSNAPIITVDALRDETLEIISI
TSLAQKEEWLRKVFGSGNNSTPRSFATSIYNNLSKEAHKGNRWAILYCHKTGKSSVIDLQR
;
_entity_poly.pdbx_strand_id   A,B
#
# COMPACT_ATOMS: atom_id res chain seq x y z
N ASN A 19 -1.80 -22.05 -11.37
CA ASN A 19 -2.74 -20.99 -11.66
C ASN A 19 -3.34 -20.29 -10.44
N ASN A 20 -3.94 -21.07 -9.54
CA ASN A 20 -4.65 -20.54 -8.38
C ASN A 20 -3.68 -19.93 -7.35
N GLN A 21 -3.98 -18.72 -6.89
CA GLN A 21 -3.11 -18.08 -5.92
C GLN A 21 -3.16 -18.83 -4.61
N LYS A 22 -2.01 -18.93 -3.95
CA LYS A 22 -1.95 -19.58 -2.64
C LYS A 22 -2.86 -18.83 -1.69
N VAL A 23 -3.76 -19.56 -1.04
CA VAL A 23 -4.61 -19.01 -0.01
C VAL A 23 -4.23 -19.66 1.33
N ILE A 24 -3.89 -18.82 2.30
CA ILE A 24 -3.46 -19.28 3.61
C ILE A 24 -4.47 -18.82 4.65
N TYR A 25 -5.25 -19.76 5.17
CA TYR A 25 -6.24 -19.45 6.19
C TYR A 25 -5.57 -19.45 7.55
N VAL A 26 -5.77 -18.36 8.29
CA VAL A 26 -5.17 -18.20 9.62
C VAL A 26 -6.29 -18.08 10.63
N PRO A 27 -6.53 -19.15 11.39
CA PRO A 27 -7.62 -19.23 12.38
C PRO A 27 -7.33 -18.43 13.64
N ASN A 28 -8.41 -18.00 14.27
CA ASN A 28 -8.38 -17.32 15.55
C ASN A 28 -9.09 -18.21 16.56
N MET A 29 -8.33 -18.69 17.56
CA MET A 29 -8.86 -19.68 18.50
C MET A 29 -10.03 -19.17 19.34
N ALA A 30 -10.08 -17.86 19.55
CA ALA A 30 -11.17 -17.24 20.32
C ALA A 30 -12.51 -17.40 19.63
N THR A 31 -12.50 -17.36 18.30
CA THR A 31 -13.71 -17.49 17.50
C THR A 31 -13.71 -18.81 16.73
N LYS A 41 -13.58 -23.91 3.69
CA LYS A 41 -12.19 -23.88 3.26
C LYS A 41 -12.11 -23.70 1.75
N TRP A 42 -12.90 -24.48 1.04
CA TRP A 42 -13.11 -24.20 -0.37
C TRP A 42 -13.88 -22.88 -0.44
N VAL A 43 -14.72 -22.63 0.57
CA VAL A 43 -15.47 -21.38 0.64
C VAL A 43 -14.53 -20.20 0.94
N TYR A 44 -13.56 -20.43 1.82
CA TYR A 44 -12.57 -19.39 2.12
C TYR A 44 -11.79 -19.08 0.88
N GLU A 45 -11.33 -20.12 0.22
CA GLU A 45 -10.46 -19.97 -0.94
C GLU A 45 -11.16 -19.21 -2.06
N ASP A 46 -12.41 -19.57 -2.33
CA ASP A 46 -13.20 -18.92 -3.37
C ASP A 46 -13.37 -17.43 -3.09
N ALA A 47 -13.81 -17.09 -1.89
CA ALA A 47 -14.04 -15.71 -1.50
C ALA A 47 -12.72 -14.92 -1.57
N ALA A 48 -11.63 -15.52 -1.11
CA ALA A 48 -10.38 -14.80 -1.07
C ALA A 48 -9.85 -14.56 -2.49
N ARG A 49 -9.86 -15.59 -3.32
CA ARG A 49 -9.42 -15.39 -4.70
C ARG A 49 -10.28 -14.35 -5.42
N ASN A 50 -11.59 -14.32 -5.15
CA ASN A 50 -12.47 -13.35 -5.81
C ASN A 50 -12.10 -11.93 -5.37
N SER A 51 -11.72 -11.79 -4.12
CA SER A 51 -11.31 -10.50 -3.61
C SER A 51 -10.00 -10.01 -4.24
N SER A 52 -8.99 -10.88 -4.31
CA SER A 52 -7.73 -10.50 -4.94
C SER A 52 -7.99 -10.15 -6.39
N ASN A 53 -8.85 -10.92 -7.03
CA ASN A 53 -9.09 -10.72 -8.45
C ASN A 53 -9.78 -9.37 -8.70
N MET A 54 -10.65 -8.97 -7.78
CA MET A 54 -11.33 -7.66 -7.87
C MET A 54 -10.32 -6.53 -7.73
N ILE A 55 -9.42 -6.65 -6.77
CA ILE A 55 -8.35 -5.68 -6.59
C ILE A 55 -7.44 -5.57 -7.82
N LEU A 56 -7.06 -6.71 -8.38
CA LEU A 56 -6.25 -6.70 -9.59
C LEU A 56 -7.04 -5.94 -10.64
N HIS A 57 -8.34 -6.20 -10.73
CA HIS A 57 -9.16 -5.47 -11.70
C HIS A 57 -9.15 -3.96 -11.48
N ASN A 58 -9.47 -3.50 -10.28
CA ASN A 58 -9.47 -2.07 -10.02
C ASN A 58 -8.08 -1.47 -10.15
N LEU A 59 -7.06 -2.19 -9.71
CA LEU A 59 -5.68 -1.66 -9.79
C LEU A 59 -5.28 -1.42 -11.24
N SER A 60 -5.77 -2.29 -12.13
CA SER A 60 -5.40 -2.21 -13.55
C SER A 60 -6.01 -0.99 -14.24
N ASN A 61 -6.95 -0.34 -13.56
CA ASN A 61 -7.55 0.90 -14.07
C ASN A 61 -7.13 2.12 -13.23
N ALA A 62 -6.23 1.95 -12.28
CA ALA A 62 -5.90 3.06 -11.39
C ALA A 62 -4.96 4.03 -12.09
N PRO A 63 -5.09 5.32 -11.78
CA PRO A 63 -4.14 6.27 -12.33
C PRO A 63 -2.73 6.02 -11.82
N ILE A 64 -1.74 6.32 -12.64
CA ILE A 64 -0.36 6.17 -12.24
C ILE A 64 0.25 7.56 -12.11
N ILE A 65 0.58 7.96 -10.89
CA ILE A 65 1.19 9.25 -10.69
C ILE A 65 2.68 9.08 -10.80
N THR A 66 3.31 9.87 -11.65
CA THR A 66 4.74 9.70 -11.85
C THR A 66 5.48 10.98 -11.45
N VAL A 67 6.52 10.81 -10.67
CA VAL A 67 7.36 11.93 -10.22
C VAL A 67 8.81 11.57 -10.54
N ASP A 68 9.69 12.57 -10.63
CA ASP A 68 11.09 12.28 -10.92
C ASP A 68 11.79 11.64 -9.72
N ALA A 69 11.63 12.25 -8.55
CA ALA A 69 12.27 11.73 -7.35
C ALA A 69 11.42 11.97 -6.12
N LEU A 70 11.54 11.05 -5.17
CA LEU A 70 10.86 11.17 -3.90
C LEU A 70 11.82 10.65 -2.84
N ARG A 71 12.02 11.42 -1.78
CA ARG A 71 12.76 10.91 -0.63
C ARG A 71 12.09 9.65 -0.09
N ASP A 72 12.90 8.69 0.36
CA ASP A 72 12.36 7.47 0.95
C ASP A 72 11.34 7.79 2.04
N GLU A 73 11.73 8.67 2.98
CA GLU A 73 10.83 9.10 4.03
C GLU A 73 9.51 9.69 3.52
N THR A 74 9.56 10.44 2.42
CA THR A 74 8.35 11.01 1.85
C THR A 74 7.42 9.93 1.30
N LEU A 75 7.97 9.02 0.50
CA LEU A 75 7.19 7.92 -0.06
C LEU A 75 6.57 7.08 1.05
N GLU A 76 7.34 6.82 2.09
CA GLU A 76 6.81 6.13 3.26
C GLU A 76 5.59 6.85 3.81
N ILE A 77 5.74 8.13 4.19
CA ILE A 77 4.59 8.81 4.77
C ILE A 77 3.38 8.82 3.83
N ILE A 78 3.60 9.00 2.53
CA ILE A 78 2.49 8.93 1.59
C ILE A 78 1.84 7.53 1.56
N SER A 79 2.66 6.50 1.73
CA SER A 79 2.15 5.13 1.63
C SER A 79 1.38 4.67 2.87
N ILE A 80 1.45 5.43 3.96
CA ILE A 80 0.79 5.02 5.21
C ILE A 80 -0.09 6.10 5.82
N THR A 81 -0.35 7.18 5.09
CA THR A 81 -1.04 8.32 5.70
C THR A 81 -2.40 8.54 5.07
N SER A 82 -3.44 8.63 5.90
CA SER A 82 -4.80 8.88 5.44
C SER A 82 -4.94 10.23 4.70
N LEU A 83 -5.76 10.25 3.65
CA LEU A 83 -6.03 11.50 2.95
C LEU A 83 -7.08 12.34 3.69
N ALA A 84 -7.69 11.77 4.73
CA ALA A 84 -8.89 12.34 5.32
C ALA A 84 -8.67 13.69 5.98
N GLN A 85 -7.55 13.86 6.66
CA GLN A 85 -7.21 15.20 7.15
C GLN A 85 -6.16 15.83 6.26
N LYS A 86 -6.60 16.70 5.36
CA LYS A 86 -5.72 17.30 4.37
C LYS A 86 -4.52 18.01 5.00
N GLU A 87 -4.78 18.78 6.06
CA GLU A 87 -3.69 19.55 6.65
C GLU A 87 -2.61 18.67 7.28
N GLU A 88 -3.03 17.60 7.94
CA GLU A 88 -2.06 16.69 8.54
C GLU A 88 -1.24 15.97 7.48
N TRP A 89 -1.89 15.60 6.39
CA TRP A 89 -1.19 14.91 5.31
C TRP A 89 -0.13 15.86 4.82
N LEU A 90 -0.53 17.08 4.46
CA LEU A 90 0.40 18.09 3.97
C LEU A 90 1.49 18.38 4.97
N ARG A 91 1.14 18.50 6.25
CA ARG A 91 2.12 18.85 7.26
C ARG A 91 3.21 17.78 7.29
N LYS A 92 2.79 16.53 7.30
CA LYS A 92 3.76 15.43 7.35
C LYS A 92 4.57 15.35 6.06
N VAL A 93 3.91 15.61 4.94
CA VAL A 93 4.60 15.49 3.64
C VAL A 93 5.51 16.68 3.39
N PHE A 94 5.06 17.88 3.78
CA PHE A 94 5.90 19.09 3.65
C PHE A 94 7.20 18.94 4.43
N GLY A 95 7.14 18.23 5.56
CA GLY A 95 8.31 18.04 6.37
C GLY A 95 8.79 19.37 6.91
N SER A 96 10.02 19.43 7.40
CA SER A 96 10.48 20.65 8.04
C SER A 96 11.89 21.09 7.66
N GLY A 97 12.03 22.37 7.38
CA GLY A 97 13.32 23.01 7.22
C GLY A 97 14.17 22.48 6.09
N ASN A 98 15.40 22.11 6.42
CA ASN A 98 16.40 21.63 5.46
C ASN A 98 15.98 20.36 4.70
N ASN A 99 15.05 19.61 5.29
CA ASN A 99 14.61 18.36 4.68
C ASN A 99 13.17 18.42 4.17
N SER A 100 12.65 19.64 4.03
CA SER A 100 11.28 19.82 3.58
C SER A 100 11.10 19.38 2.12
N THR A 101 9.85 19.10 1.78
CA THR A 101 9.47 18.74 0.42
C THR A 101 8.77 19.97 -0.12
N PRO A 102 9.13 20.38 -1.34
CA PRO A 102 8.50 21.53 -2.00
C PRO A 102 6.97 21.50 -1.87
N ARG A 103 6.38 22.61 -1.46
CA ARG A 103 4.95 22.65 -1.15
C ARG A 103 4.01 22.52 -2.36
N SER A 104 4.36 23.15 -3.46
CA SER A 104 3.55 23.04 -4.67
C SER A 104 3.52 21.58 -5.11
N PHE A 105 4.69 20.95 -5.11
CA PHE A 105 4.84 19.55 -5.51
C PHE A 105 4.08 18.59 -4.57
N ALA A 106 4.25 18.75 -3.26
CA ALA A 106 3.50 17.91 -2.32
C ALA A 106 2.01 18.12 -2.51
N THR A 107 1.60 19.37 -2.61
CA THR A 107 0.19 19.71 -2.76
C THR A 107 -0.41 19.10 -4.04
N SER A 108 0.34 19.18 -5.13
CA SER A 108 -0.16 18.55 -6.36
C SER A 108 -0.38 17.06 -6.16
N ILE A 109 0.56 16.38 -5.50
CA ILE A 109 0.37 14.95 -5.25
C ILE A 109 -0.91 14.69 -4.48
N TYR A 110 -1.13 15.47 -3.41
CA TYR A 110 -2.35 15.31 -2.63
C TYR A 110 -3.63 15.48 -3.45
N ASN A 111 -3.68 16.52 -4.27
CA ASN A 111 -4.89 16.84 -5.02
C ASN A 111 -5.19 15.76 -6.05
N ASN A 112 -4.15 15.24 -6.67
CA ASN A 112 -4.27 14.09 -7.55
C ASN A 112 -4.76 12.83 -6.85
N LEU A 113 -4.20 12.54 -5.69
CA LEU A 113 -4.66 11.38 -4.95
C LEU A 113 -6.10 11.59 -4.50
N SER A 114 -6.37 12.79 -3.99
CA SER A 114 -7.69 13.14 -3.48
C SER A 114 -8.76 13.14 -4.56
N LYS A 115 -8.42 13.64 -5.75
CA LYS A 115 -9.35 13.59 -6.88
C LYS A 115 -9.79 12.15 -7.19
N GLU A 116 -8.83 11.24 -7.23
CA GLU A 116 -9.11 9.82 -7.47
C GLU A 116 -9.98 9.24 -6.36
N ALA A 117 -9.64 9.56 -5.12
CA ALA A 117 -10.43 9.10 -3.98
C ALA A 117 -11.90 9.53 -4.07
N HIS A 118 -12.13 10.80 -4.38
CA HIS A 118 -13.49 11.34 -4.40
C HIS A 118 -14.35 10.77 -5.53
N LYS A 119 -13.71 10.13 -6.50
CA LYS A 119 -14.43 9.46 -7.57
C LYS A 119 -14.97 8.14 -7.05
N GLY A 120 -14.66 7.84 -5.79
CA GLY A 120 -15.10 6.62 -5.16
C GLY A 120 -14.13 5.46 -5.31
N ASN A 121 -12.98 5.71 -5.94
CA ASN A 121 -12.01 4.66 -6.22
C ASN A 121 -10.97 4.48 -5.14
N ARG A 122 -10.44 3.27 -5.02
CA ARG A 122 -9.58 2.95 -3.89
C ARG A 122 -8.07 3.06 -4.10
N TRP A 123 -7.63 2.99 -5.36
CA TRP A 123 -6.21 2.79 -5.63
C TRP A 123 -5.60 3.86 -6.51
N ALA A 124 -4.33 4.17 -6.23
CA ALA A 124 -3.52 4.90 -7.18
C ALA A 124 -2.14 4.27 -7.13
N ILE A 125 -1.39 4.38 -8.22
CA ILE A 125 -0.05 3.87 -8.24
C ILE A 125 0.90 5.07 -8.31
N LEU A 126 1.96 5.00 -7.53
CA LEU A 126 2.88 6.12 -7.39
C LEU A 126 4.25 5.64 -7.82
N TYR A 127 4.74 6.20 -8.92
CA TYR A 127 5.99 5.74 -9.52
C TYR A 127 7.04 6.84 -9.41
N CYS A 128 8.20 6.45 -8.91
N CYS A 128 8.20 6.48 -8.87
CA CYS A 128 9.34 7.35 -8.75
CA CYS A 128 9.30 7.43 -8.79
C CYS A 128 10.46 6.99 -9.73
C CYS A 128 10.44 7.02 -9.72
N HIS A 129 10.61 7.77 -10.80
CA HIS A 129 11.58 7.46 -11.84
C HIS A 129 13.01 7.26 -11.34
N LYS A 130 13.48 8.15 -10.48
CA LYS A 130 14.84 8.07 -9.99
C LYS A 130 15.14 6.65 -9.49
N THR A 131 14.12 6.02 -8.91
CA THR A 131 14.27 4.74 -8.24
C THR A 131 13.84 3.53 -9.07
N GLY A 132 12.98 3.76 -10.08
CA GLY A 132 12.43 2.68 -10.86
C GLY A 132 11.34 1.92 -10.09
N LYS A 133 10.96 2.45 -8.94
CA LYS A 133 10.06 1.74 -8.03
C LYS A 133 8.63 2.27 -8.06
N SER A 134 7.67 1.35 -8.18
CA SER A 134 6.25 1.66 -8.08
C SER A 134 5.72 1.19 -6.74
N SER A 135 4.81 1.96 -6.14
N SER A 135 4.79 1.97 -6.16
CA SER A 135 4.13 1.50 -4.94
CA SER A 135 4.14 1.62 -4.91
C SER A 135 2.63 1.68 -5.06
C SER A 135 2.61 1.76 -5.00
N VAL A 136 1.90 0.87 -4.31
CA VAL A 136 0.45 0.93 -4.29
C VAL A 136 -0.04 1.83 -3.17
N ILE A 137 -0.79 2.87 -3.51
CA ILE A 137 -1.38 3.78 -2.54
C ILE A 137 -2.85 3.49 -2.29
N ASP A 138 -3.19 3.13 -1.06
CA ASP A 138 -4.58 2.97 -0.65
C ASP A 138 -5.15 4.35 -0.35
N LEU A 139 -6.10 4.79 -1.18
CA LEU A 139 -6.67 6.11 -1.04
C LEU A 139 -7.71 6.18 0.07
N GLN A 140 -8.16 5.01 0.54
CA GLN A 140 -9.25 4.97 1.51
C GLN A 140 -8.72 4.67 2.90
N ARG A 141 -7.40 4.81 3.06
CA ARG A 141 -6.79 4.64 4.35
C ARG A 141 -7.35 5.71 5.28
N ASN B 20 -4.07 0.43 -20.74
CA ASN B 20 -3.67 1.82 -20.70
C ASN B 20 -4.38 2.66 -19.63
N GLN B 21 -3.90 2.56 -18.40
CA GLN B 21 -4.34 3.48 -17.37
C GLN B 21 -3.75 4.86 -17.68
N LYS B 22 -4.36 5.88 -17.08
CA LYS B 22 -3.90 7.25 -17.20
C LYS B 22 -2.57 7.38 -16.48
N VAL B 23 -1.61 8.06 -17.09
CA VAL B 23 -0.35 8.38 -16.40
C VAL B 23 -0.31 9.88 -16.10
N ILE B 24 0.03 10.26 -14.87
CA ILE B 24 0.04 11.66 -14.49
C ILE B 24 1.39 12.11 -13.95
N TYR B 25 2.07 12.95 -14.71
CA TYR B 25 3.36 13.49 -14.30
C TYR B 25 3.19 14.70 -13.38
N VAL B 26 3.75 14.59 -12.19
CA VAL B 26 3.75 15.70 -11.25
C VAL B 26 5.18 16.22 -11.17
N PRO B 27 5.44 17.39 -11.77
CA PRO B 27 6.79 17.98 -11.83
C PRO B 27 7.21 18.58 -10.51
N ASN B 28 8.52 18.60 -10.26
CA ASN B 28 9.08 19.21 -9.05
C ASN B 28 10.19 20.13 -9.50
N MET B 29 9.82 21.34 -9.94
CA MET B 29 10.80 22.32 -10.45
C MET B 29 11.86 22.72 -9.43
N ALA B 30 11.53 22.71 -8.14
CA ALA B 30 12.51 23.17 -7.15
C ALA B 30 13.79 22.33 -7.21
N THR B 31 13.68 21.13 -7.80
CA THR B 31 14.80 20.21 -7.83
C THR B 31 15.47 20.11 -9.21
N ARG B 32 14.99 20.91 -10.17
CA ARG B 32 15.55 20.87 -11.52
C ARG B 32 16.24 22.16 -11.92
N SER B 33 17.21 22.05 -12.82
CA SER B 33 17.73 23.22 -13.53
C SER B 33 16.68 23.71 -14.52
N LYS B 34 16.07 22.76 -15.20
CA LYS B 34 15.21 23.07 -16.34
C LYS B 34 13.95 22.23 -16.37
N LYS B 35 12.82 22.88 -16.67
CA LYS B 35 11.57 22.20 -16.95
C LYS B 35 11.77 20.96 -17.83
N ALA B 36 10.91 19.95 -17.62
CA ALA B 36 10.94 18.75 -18.45
C ALA B 36 10.38 19.05 -19.83
N ASN B 37 11.10 18.69 -20.91
CA ASN B 37 12.39 18.00 -20.93
C ASN B 37 12.59 17.29 -22.28
N TRP B 42 8.14 11.78 -22.32
CA TRP B 42 7.44 10.51 -22.49
C TRP B 42 8.17 9.36 -21.83
N VAL B 43 9.46 9.56 -21.52
CA VAL B 43 10.24 8.56 -20.79
C VAL B 43 9.53 8.14 -19.49
N TYR B 44 9.02 9.13 -18.77
CA TYR B 44 8.24 8.85 -17.57
C TYR B 44 6.99 8.09 -17.96
N GLU B 45 6.20 8.70 -18.83
CA GLU B 45 4.91 8.17 -19.25
C GLU B 45 4.96 6.69 -19.69
N ASP B 46 6.11 6.24 -20.15
CA ASP B 46 6.25 4.88 -20.64
C ASP B 46 6.85 3.94 -19.58
N ALA B 47 7.79 4.46 -18.81
CA ALA B 47 8.47 3.66 -17.79
C ALA B 47 7.57 3.44 -16.58
N ALA B 48 6.78 4.45 -16.23
CA ALA B 48 5.79 4.31 -15.18
C ALA B 48 4.82 3.18 -15.53
N ARG B 49 4.45 3.13 -16.80
CA ARG B 49 3.55 2.08 -17.28
C ARG B 49 4.14 0.68 -17.10
N ASN B 50 5.42 0.55 -17.41
CA ASN B 50 6.11 -0.74 -17.35
C ASN B 50 6.28 -1.26 -15.93
N SER B 51 6.72 -0.39 -15.03
CA SER B 51 6.89 -0.78 -13.63
C SER B 51 5.55 -1.15 -13.02
N SER B 52 4.50 -0.40 -13.35
CA SER B 52 3.16 -0.72 -12.89
C SER B 52 2.64 -2.05 -13.46
N ASN B 53 2.93 -2.35 -14.71
CA ASN B 53 2.54 -3.63 -15.27
C ASN B 53 3.22 -4.78 -14.53
N MET B 54 4.46 -4.55 -14.13
CA MET B 54 5.23 -5.55 -13.41
C MET B 54 4.64 -5.74 -12.02
N ILE B 55 4.15 -4.65 -11.43
CA ILE B 55 3.48 -4.70 -10.13
C ILE B 55 2.19 -5.50 -10.19
N LEU B 56 1.36 -5.17 -11.17
CA LEU B 56 0.08 -5.83 -11.34
C LEU B 56 0.30 -7.32 -11.58
N HIS B 57 1.29 -7.65 -12.37
CA HIS B 57 1.59 -9.05 -12.62
C HIS B 57 1.97 -9.79 -11.32
N ASN B 58 2.90 -9.23 -10.55
CA ASN B 58 3.29 -9.88 -9.31
C ASN B 58 2.16 -9.94 -8.29
N LEU B 59 1.33 -8.90 -8.24
CA LEU B 59 0.22 -8.87 -7.29
C LEU B 59 -0.81 -9.92 -7.64
N SER B 60 -1.01 -10.10 -8.94
CA SER B 60 -1.95 -11.10 -9.45
C SER B 60 -1.64 -12.46 -8.84
N ASN B 61 -0.37 -12.71 -8.56
CA ASN B 61 0.05 -14.02 -8.04
C ASN B 61 0.43 -14.03 -6.55
N ALA B 62 0.23 -12.90 -5.89
CA ALA B 62 0.57 -12.79 -4.46
C ALA B 62 -0.27 -13.73 -3.57
N PRO B 63 0.36 -14.32 -2.54
CA PRO B 63 -0.39 -15.15 -1.61
C PRO B 63 -1.46 -14.35 -0.91
N ILE B 64 -2.55 -15.01 -0.58
CA ILE B 64 -3.63 -14.33 0.10
C ILE B 64 -3.73 -14.89 1.51
N ILE B 65 -3.50 -14.03 2.49
CA ILE B 65 -3.71 -14.42 3.88
C ILE B 65 -5.14 -14.11 4.23
N THR B 66 -5.89 -15.13 4.60
CA THR B 66 -7.30 -14.93 4.84
C THR B 66 -7.63 -15.25 6.31
N VAL B 67 -8.40 -14.36 6.92
CA VAL B 67 -8.85 -14.57 8.29
C VAL B 67 -10.36 -14.42 8.33
N ASP B 68 -10.98 -14.95 9.37
CA ASP B 68 -12.42 -14.79 9.55
C ASP B 68 -12.79 -13.33 9.76
N ALA B 69 -12.06 -12.68 10.65
CA ALA B 69 -12.28 -11.27 10.97
C ALA B 69 -11.06 -10.70 11.68
N LEU B 70 -10.92 -9.39 11.60
CA LEU B 70 -9.80 -8.71 12.24
C LEU B 70 -10.31 -7.34 12.66
N ARG B 71 -10.06 -7.00 13.92
CA ARG B 71 -10.33 -5.66 14.40
C ARG B 71 -9.68 -4.65 13.44
N ASP B 72 -10.40 -3.57 13.13
CA ASP B 72 -9.90 -2.56 12.20
C ASP B 72 -8.61 -1.94 12.73
N GLU B 73 -8.60 -1.63 14.01
CA GLU B 73 -7.41 -1.03 14.58
C GLU B 73 -6.19 -1.90 14.23
N THR B 74 -6.36 -3.22 14.31
CA THR B 74 -5.26 -4.14 14.05
C THR B 74 -4.97 -4.25 12.55
N LEU B 75 -6.00 -4.23 11.73
CA LEU B 75 -5.82 -4.26 10.27
C LEU B 75 -4.98 -3.06 9.80
N GLU B 76 -5.35 -1.87 10.24
CA GLU B 76 -4.66 -0.66 9.78
C GLU B 76 -3.19 -0.66 10.19
N ILE B 77 -2.90 -1.09 11.41
CA ILE B 77 -1.49 -1.18 11.83
C ILE B 77 -0.72 -2.25 11.04
N ILE B 78 -1.32 -3.41 10.84
CA ILE B 78 -0.63 -4.43 10.05
C ILE B 78 -0.34 -3.93 8.64
N SER B 79 -1.26 -3.16 8.07
CA SER B 79 -1.08 -2.69 6.70
C SER B 79 -0.01 -1.62 6.53
N ILE B 80 0.47 -1.06 7.64
CA ILE B 80 1.52 -0.03 7.55
C ILE B 80 2.81 -0.34 8.30
N THR B 81 2.99 -1.59 8.72
CA THR B 81 4.13 -1.89 9.63
C THR B 81 5.09 -2.90 9.05
N SER B 82 6.38 -2.63 9.20
CA SER B 82 7.45 -3.52 8.75
C SER B 82 7.43 -4.88 9.45
N LEU B 83 7.75 -5.94 8.72
CA LEU B 83 7.85 -7.27 9.30
C LEU B 83 9.29 -7.56 9.74
N ALA B 84 10.17 -6.58 9.62
CA ALA B 84 11.60 -6.82 9.85
C ALA B 84 11.88 -7.36 11.24
N GLN B 85 11.36 -6.69 12.27
CA GLN B 85 11.49 -7.14 13.66
C GLN B 85 10.15 -7.58 14.28
N LYS B 86 10.07 -8.82 14.71
CA LYS B 86 8.82 -9.35 15.22
C LYS B 86 8.39 -8.63 16.50
N GLU B 87 9.33 -8.38 17.41
CA GLU B 87 8.98 -7.77 18.68
C GLU B 87 8.50 -6.34 18.50
N GLU B 88 9.05 -5.63 17.53
CA GLU B 88 8.60 -4.28 17.25
C GLU B 88 7.23 -4.30 16.57
N TRP B 89 7.04 -5.26 15.67
CA TRP B 89 5.71 -5.41 15.01
C TRP B 89 4.60 -5.60 16.08
N LEU B 90 4.82 -6.52 17.01
CA LEU B 90 3.87 -6.80 18.09
C LEU B 90 3.67 -5.54 18.94
N ARG B 91 4.78 -4.85 19.18
CA ARG B 91 4.77 -3.62 19.96
C ARG B 91 3.85 -2.58 19.33
N LYS B 92 3.96 -2.39 18.02
CA LYS B 92 3.15 -1.44 17.28
C LYS B 92 1.70 -1.91 17.23
N VAL B 93 1.51 -3.20 17.02
CA VAL B 93 0.16 -3.75 16.92
C VAL B 93 -0.60 -3.49 18.23
N PHE B 94 0.06 -3.71 19.36
CA PHE B 94 -0.58 -3.53 20.66
C PHE B 94 -0.23 -2.21 21.37
N GLY B 95 0.37 -1.27 20.64
CA GLY B 95 0.82 -0.01 21.21
C GLY B 95 -0.22 0.81 21.97
N SER B 96 -1.49 0.62 21.65
CA SER B 96 -2.55 1.43 22.23
C SER B 96 -2.86 1.03 23.66
N GLY B 97 -2.41 -0.16 24.04
CA GLY B 97 -2.72 -0.72 25.35
C GLY B 97 -4.15 -1.19 25.43
N ASN B 98 -4.92 -0.92 24.37
CA ASN B 98 -6.37 -1.18 24.36
C ASN B 98 -6.79 -2.11 23.23
N ASN B 99 -5.81 -2.75 22.58
CA ASN B 99 -6.10 -3.64 21.47
C ASN B 99 -6.42 -5.04 21.96
N SER B 100 -7.67 -5.48 21.73
CA SER B 100 -8.15 -6.75 22.25
C SER B 100 -7.98 -7.94 21.30
N THR B 101 -7.33 -7.72 20.15
CA THR B 101 -6.99 -8.84 19.28
C THR B 101 -6.14 -9.83 20.07
N PRO B 102 -6.54 -11.12 20.10
CA PRO B 102 -5.70 -12.08 20.82
C PRO B 102 -4.27 -12.10 20.34
N ARG B 103 -3.34 -12.09 21.27
CA ARG B 103 -1.91 -12.06 20.97
C ARG B 103 -1.45 -13.24 20.13
N SER B 104 -2.04 -14.41 20.36
CA SER B 104 -1.69 -15.60 19.60
C SER B 104 -2.11 -15.48 18.13
N PHE B 105 -3.26 -14.85 17.92
CA PHE B 105 -3.81 -14.68 16.59
C PHE B 105 -2.95 -13.68 15.83
N ALA B 106 -2.64 -12.54 16.47
CA ALA B 106 -1.75 -11.56 15.86
C ALA B 106 -0.42 -12.19 15.48
N THR B 107 0.15 -12.95 16.41
CA THR B 107 1.44 -13.61 16.12
C THR B 107 1.37 -14.57 14.95
N SER B 108 0.28 -15.34 14.86
CA SER B 108 0.08 -16.23 13.74
C SER B 108 0.04 -15.45 12.41
N ILE B 109 -0.68 -14.33 12.39
CA ILE B 109 -0.73 -13.48 11.20
C ILE B 109 0.66 -12.98 10.84
N TYR B 110 1.42 -12.59 11.87
CA TYR B 110 2.79 -12.11 11.63
C TYR B 110 3.63 -13.22 10.98
N ASN B 111 3.49 -14.44 11.50
CA ASN B 111 4.35 -15.53 11.08
C ASN B 111 4.06 -15.92 9.63
N ASN B 112 2.79 -15.89 9.27
CA ASN B 112 2.40 -16.16 7.90
C ASN B 112 2.85 -15.06 6.95
N LEU B 113 2.74 -13.81 7.37
CA LEU B 113 3.22 -12.69 6.55
C LEU B 113 4.75 -12.74 6.40
N SER B 114 5.44 -12.94 7.51
CA SER B 114 6.89 -13.03 7.51
C SER B 114 7.43 -14.15 6.61
N LYS B 115 6.82 -15.32 6.68
CA LYS B 115 7.26 -16.45 5.89
C LYS B 115 7.25 -16.08 4.40
N GLU B 116 6.24 -15.33 3.98
CA GLU B 116 6.15 -14.89 2.58
C GLU B 116 7.21 -13.85 2.25
N ALA B 117 7.41 -12.92 3.18
CA ALA B 117 8.40 -11.86 3.01
C ALA B 117 9.81 -12.42 2.90
N HIS B 118 10.06 -13.53 3.60
CA HIS B 118 11.37 -14.15 3.59
C HIS B 118 11.72 -14.75 2.22
N LYS B 119 10.70 -15.04 1.43
CA LYS B 119 10.90 -15.57 0.07
C LYS B 119 11.30 -14.50 -0.93
N GLY B 120 11.29 -13.24 -0.49
CA GLY B 120 11.59 -12.13 -1.38
C GLY B 120 10.34 -11.48 -1.92
N ASN B 121 9.20 -12.17 -1.79
CA ASN B 121 7.90 -11.62 -2.16
C ASN B 121 7.69 -10.21 -1.64
N ARG B 122 7.26 -9.33 -2.52
CA ARG B 122 6.97 -7.95 -2.14
C ARG B 122 5.56 -7.80 -1.60
N TRP B 123 4.66 -8.68 -2.05
CA TRP B 123 3.23 -8.46 -1.82
C TRP B 123 2.51 -9.64 -1.19
N ALA B 124 1.55 -9.32 -0.35
CA ALA B 124 0.53 -10.28 0.09
C ALA B 124 -0.80 -9.58 0.15
N ILE B 125 -1.88 -10.33 -0.03
CA ILE B 125 -3.20 -9.78 0.18
C ILE B 125 -3.69 -10.25 1.54
N LEU B 126 -4.28 -9.36 2.31
CA LEU B 126 -4.90 -9.76 3.57
C LEU B 126 -6.41 -9.60 3.46
N TYR B 127 -7.14 -10.72 3.54
CA TYR B 127 -8.59 -10.73 3.28
C TYR B 127 -9.40 -11.13 4.51
N CYS B 128 -10.44 -10.35 4.85
CA CYS B 128 -11.30 -10.64 6.01
C CYS B 128 -12.64 -11.17 5.57
N HIS B 129 -12.87 -12.47 5.80
CA HIS B 129 -14.01 -13.13 5.20
C HIS B 129 -15.34 -12.58 5.74
N LYS B 130 -15.40 -12.32 7.05
CA LYS B 130 -16.60 -11.77 7.70
C LYS B 130 -17.14 -10.51 7.02
N THR B 131 -16.25 -9.60 6.66
CA THR B 131 -16.64 -8.31 6.09
C THR B 131 -16.45 -8.27 4.58
N GLY B 132 -15.50 -9.06 4.09
CA GLY B 132 -15.11 -8.97 2.69
C GLY B 132 -14.06 -7.91 2.46
N LYS B 133 -13.57 -7.29 3.53
CA LYS B 133 -12.54 -6.25 3.41
C LYS B 133 -11.16 -6.83 3.11
N SER B 134 -10.52 -6.30 2.07
CA SER B 134 -9.30 -6.85 1.52
C SER B 134 -8.28 -5.74 1.41
N SER B 135 -7.09 -5.96 1.99
CA SER B 135 -6.00 -4.98 1.95
C SER B 135 -4.73 -5.48 1.28
N VAL B 136 -4.00 -4.58 0.62
CA VAL B 136 -2.75 -4.99 0.00
C VAL B 136 -1.57 -4.72 0.95
N ILE B 137 -0.84 -5.78 1.32
CA ILE B 137 0.27 -5.67 2.28
C ILE B 137 1.63 -5.62 1.59
N ASP B 138 2.35 -4.52 1.76
CA ASP B 138 3.74 -4.44 1.33
C ASP B 138 4.55 -5.20 2.35
N LEU B 139 5.23 -6.25 1.90
CA LEU B 139 5.92 -7.16 2.81
C LEU B 139 7.36 -6.69 3.01
N GLN B 140 7.73 -5.62 2.33
CA GLN B 140 9.10 -5.13 2.37
C GLN B 140 9.19 -3.70 2.91
N ARG B 141 8.28 -3.32 3.79
CA ARG B 141 8.41 -2.04 4.48
C ARG B 141 9.57 -2.17 5.44
#